data_4B48
#
_entry.id   4B48
#
_cell.length_a   45.020
_cell.length_b   61.950
_cell.length_c   160.420
_cell.angle_alpha   90.00
_cell.angle_beta   90.00
_cell.angle_gamma   90.00
#
_symmetry.space_group_name_H-M   'P 21 21 21'
#
loop_
_entity.id
_entity.type
_entity.pdbx_description
1 polymer 'TRANSLATION INITIATION FACTOR IF-2'
2 non-polymer "GUANOSINE-5'-TRIPHOSPHATE"
3 non-polymer 'MAGNESIUM ION'
4 water water
#
_entity_poly.entity_id   1
_entity_poly.type   'polypeptide(L)'
_entity_poly.pdbx_seq_one_letter_code
;MAKVRIYQLAKELGMETQELLELLDQMGVAYKSHASTLEEKDAEAVRELVKEQRGLQEKLAEEERRKSLPRRPPVVVIMG
HVDHGKTTLLDYLRKSRIAEKEAGGITQHVGAFEVKTPQGTVVFIDTPGHEAFTTIRQRGAKVADIAVIVIAADDGIMPQ
TEEAIAHAKAAGAKLIFAINKIDLPQADPEKVKRQLMERGFVPEEYGGDAIVIPISAKTGQGVQDLLEMILLLAELEDYR
ADPNAEPRGVILESKLDKQAGIIANMLVQEGTFRVGDYVVAGEAYGRIRAMMDADGNQRKEAGPGSAVQVLGFQELPHAG
DVVEWVPDLEAAKEIAEERKEERKAREEEEKARRPRTMAELLR
;
_entity_poly.pdbx_strand_id   A
#
# COMPACT_ATOMS: atom_id res chain seq x y z
N MET A 1 -30.01 48.83 -2.85
CA MET A 1 -28.62 49.24 -2.70
C MET A 1 -28.49 50.75 -2.57
N ALA A 2 -27.56 51.17 -1.70
CA ALA A 2 -27.36 52.60 -1.42
C ALA A 2 -28.65 53.36 -1.10
N LYS A 3 -29.43 52.89 -0.12
CA LYS A 3 -29.01 51.86 0.82
C LYS A 3 -29.87 50.61 0.72
N VAL A 4 -29.33 49.50 1.20
CA VAL A 4 -30.01 48.21 1.11
C VAL A 4 -30.73 47.85 2.40
N ARG A 5 -31.91 47.23 2.26
CA ARG A 5 -32.64 46.67 3.38
C ARG A 5 -32.13 45.28 3.74
N ILE A 6 -32.16 44.95 5.02
CA ILE A 6 -31.62 43.70 5.53
C ILE A 6 -32.26 42.47 4.88
N TYR A 7 -33.55 42.52 4.60
CA TYR A 7 -34.18 41.37 3.96
C TYR A 7 -33.70 41.19 2.53
N GLN A 8 -33.26 42.27 1.91
CA GLN A 8 -32.73 42.23 0.56
C GLN A 8 -31.31 41.69 0.54
N LEU A 9 -30.49 42.15 1.48
CA LEU A 9 -29.11 41.73 1.58
C LEU A 9 -29.02 40.25 1.89
N ALA A 10 -29.99 39.77 2.67
CA ALA A 10 -30.03 38.37 3.07
C ALA A 10 -30.37 37.49 1.89
N LYS A 11 -31.19 38.01 0.98
CA LYS A 11 -31.54 37.26 -0.22
C LYS A 11 -30.32 37.21 -1.14
N GLU A 12 -29.51 38.27 -1.09
CA GLU A 12 -28.31 38.32 -1.90
C GLU A 12 -27.31 37.28 -1.45
N LEU A 13 -27.15 37.14 -0.14
CA LEU A 13 -26.16 36.24 0.42
C LEU A 13 -26.68 34.82 0.57
N GLY A 14 -27.91 34.58 0.16
CA GLY A 14 -28.53 33.28 0.30
C GLY A 14 -28.60 32.90 1.76
N MET A 15 -28.95 33.88 2.58
CA MET A 15 -28.83 33.76 4.02
C MET A 15 -30.19 33.84 4.69
N GLU A 16 -30.31 33.25 5.87
CA GLU A 16 -31.54 33.35 6.65
C GLU A 16 -31.60 34.66 7.41
N THR A 17 -32.81 35.17 7.58
CA THR A 17 -33.05 36.43 8.27
C THR A 17 -32.40 36.46 9.64
N GLN A 18 -32.69 35.46 10.46
CA GLN A 18 -32.16 35.41 11.80
C GLN A 18 -30.65 35.24 11.79
N GLU A 19 -30.14 34.56 10.78
CA GLU A 19 -28.70 34.37 10.64
C GLU A 19 -28.00 35.71 10.47
N LEU A 20 -28.52 36.54 9.58
CA LEU A 20 -27.92 37.82 9.30
C LEU A 20 -28.08 38.77 10.49
N LEU A 21 -29.22 38.68 11.15
CA LEU A 21 -29.49 39.51 12.32
C LEU A 21 -28.56 39.13 13.47
N GLU A 22 -28.34 37.83 13.62
CA GLU A 22 -27.41 37.32 14.61
C GLU A 22 -26.03 37.89 14.31
N LEU A 23 -25.66 37.83 13.04
CA LEU A 23 -24.37 38.30 12.58
C LEU A 23 -24.18 39.78 12.84
N LEU A 24 -25.21 40.57 12.53
CA LEU A 24 -25.16 42.00 12.77
C LEU A 24 -24.95 42.31 14.24
N ASP A 25 -25.63 41.56 15.09
CA ASP A 25 -25.47 41.72 16.53
C ASP A 25 -24.02 41.50 16.94
N GLN A 26 -23.37 40.51 16.34
CA GLN A 26 -21.97 40.23 16.60
C GLN A 26 -21.11 41.41 16.20
N MET A 27 -21.34 41.90 14.98
CA MET A 27 -20.58 43.01 14.44
C MET A 27 -20.72 44.29 15.25
N GLY A 28 -21.82 44.42 15.96
CA GLY A 28 -22.09 45.65 16.70
C GLY A 28 -22.81 46.67 15.85
N VAL A 29 -23.58 46.20 14.87
CA VAL A 29 -24.37 47.07 14.03
C VAL A 29 -25.84 47.05 14.45
N ALA A 30 -26.32 48.19 14.93
CA ALA A 30 -27.68 48.27 15.44
C ALA A 30 -28.71 48.36 14.33
N TYR A 31 -29.89 47.82 14.60
CA TYR A 31 -30.99 47.84 13.65
C TYR A 31 -32.32 47.87 14.39
N LYS A 32 -33.40 47.72 13.66
CA LYS A 32 -34.73 47.62 14.26
C LYS A 32 -35.32 46.25 13.95
N SER A 33 -35.58 46.01 12.66
CA SER A 33 -36.03 44.71 12.21
C SER A 33 -35.28 44.38 10.93
N HIS A 34 -35.61 43.26 10.30
CA HIS A 34 -34.95 42.91 9.05
C HIS A 34 -35.45 43.81 7.92
N ALA A 35 -36.48 44.60 8.21
CA ALA A 35 -36.98 45.57 7.27
C ALA A 35 -36.09 46.81 7.27
N SER A 36 -35.20 46.88 8.25
CA SER A 36 -34.34 48.05 8.41
C SER A 36 -33.33 48.19 7.29
N THR A 37 -32.82 49.41 7.13
CA THR A 37 -31.91 49.75 6.06
C THR A 37 -30.47 49.80 6.56
N LEU A 38 -29.54 49.28 5.77
CA LEU A 38 -28.14 49.24 6.15
C LEU A 38 -27.29 50.29 5.45
N GLU A 39 -26.31 50.83 6.16
CA GLU A 39 -25.32 51.70 5.55
C GLU A 39 -24.41 50.87 4.66
N GLU A 40 -23.86 51.49 3.63
CA GLU A 40 -23.04 50.79 2.65
C GLU A 40 -21.75 50.30 3.30
N LYS A 41 -21.26 51.05 4.27
CA LYS A 41 -20.09 50.65 5.03
C LYS A 41 -20.37 49.33 5.73
N ASP A 42 -21.48 49.28 6.44
CA ASP A 42 -21.88 48.08 7.15
C ASP A 42 -22.15 46.93 6.19
N ALA A 43 -22.92 47.23 5.15
CA ALA A 43 -23.31 46.22 4.16
C ALA A 43 -22.09 45.58 3.52
N GLU A 44 -21.16 46.40 3.07
CA GLU A 44 -19.94 45.91 2.45
C GLU A 44 -19.13 45.12 3.46
N ALA A 45 -19.18 45.55 4.71
CA ALA A 45 -18.49 44.87 5.79
C ALA A 45 -19.11 43.49 6.00
N VAL A 46 -20.43 43.43 5.90
CA VAL A 46 -21.14 42.17 6.04
C VAL A 46 -20.78 41.24 4.88
N ARG A 47 -20.83 41.78 3.67
CA ARG A 47 -20.49 41.02 2.48
C ARG A 47 -19.13 40.37 2.60
N GLU A 48 -18.18 41.11 3.16
CA GLU A 48 -16.83 40.61 3.31
C GLU A 48 -16.67 39.63 4.45
N LEU A 49 -17.24 39.94 5.60
CA LEU A 49 -17.11 39.08 6.77
C LEU A 49 -17.80 37.74 6.53
N VAL A 50 -18.83 37.75 5.69
CA VAL A 50 -19.49 36.52 5.30
C VAL A 50 -18.55 35.67 4.45
N LYS A 51 -17.79 36.34 3.59
CA LYS A 51 -16.84 35.66 2.73
C LYS A 51 -15.77 34.93 3.52
N GLU A 52 -15.19 35.61 4.50
CA GLU A 52 -14.17 35.03 5.36
C GLU A 52 -14.66 33.73 5.98
N GLN A 53 -15.69 33.84 6.82
CA GLN A 53 -16.22 32.70 7.55
C GLN A 53 -16.58 31.52 6.67
N ARG A 54 -17.09 31.80 5.49
CA ARG A 54 -17.44 30.73 4.55
C ARG A 54 -16.22 30.03 3.97
N GLY A 55 -15.29 30.81 3.45
CA GLY A 55 -14.07 30.28 2.88
C GLY A 55 -13.26 29.53 3.92
N LEU A 56 -13.22 30.09 5.12
CA LEU A 56 -12.50 29.49 6.22
C LEU A 56 -13.03 28.10 6.55
N GLN A 57 -14.35 27.96 6.59
CA GLN A 57 -14.95 26.68 6.93
C GLN A 57 -14.72 25.64 5.84
N GLU A 58 -14.67 26.09 4.59
CA GLU A 58 -14.37 25.19 3.49
C GLU A 58 -12.92 24.79 3.59
N LYS A 59 -12.10 25.72 4.03
CA LYS A 59 -10.69 25.47 4.26
C LYS A 59 -10.54 24.47 5.39
N LEU A 60 -11.33 24.66 6.44
CA LEU A 60 -11.31 23.75 7.58
C LEU A 60 -11.81 22.36 7.19
N ALA A 61 -12.74 22.31 6.25
CA ALA A 61 -13.30 21.04 5.82
C ALA A 61 -12.33 20.30 4.91
N GLU A 62 -11.76 21.01 3.95
CA GLU A 62 -10.83 20.42 3.00
C GLU A 62 -9.61 19.85 3.71
N GLU A 63 -9.12 20.59 4.69
CA GLU A 63 -7.94 20.17 5.44
C GLU A 63 -8.30 19.10 6.47
N GLU A 64 -9.59 18.93 6.71
CA GLU A 64 -10.07 17.85 7.57
C GLU A 64 -10.14 16.49 6.86
N ARG A 65 -10.60 16.49 5.61
CA ARG A 65 -10.71 15.24 4.88
C ARG A 65 -9.36 14.71 4.43
N ARG A 66 -8.42 15.61 4.18
CA ARG A 66 -7.08 15.21 3.79
C ARG A 66 -6.34 14.60 4.96
N LYS A 67 -6.83 14.89 6.16
CA LYS A 67 -6.30 14.31 7.38
C LYS A 67 -6.50 12.80 7.34
N SER A 68 -7.57 12.38 6.67
CA SER A 68 -7.86 10.96 6.50
C SER A 68 -7.19 10.42 5.24
N LEU A 69 -6.34 9.42 5.41
CA LEU A 69 -5.55 8.90 4.32
C LEU A 69 -6.25 7.83 3.52
N PRO A 70 -5.98 7.78 2.20
CA PRO A 70 -6.55 6.75 1.33
C PRO A 70 -6.00 5.41 1.73
N ARG A 71 -6.80 4.36 1.59
CA ARG A 71 -6.33 3.04 1.95
C ARG A 71 -5.34 2.51 0.93
N ARG A 72 -4.80 1.34 1.20
CA ARG A 72 -3.90 0.67 0.27
C ARG A 72 -4.15 -0.83 0.35
N PRO A 73 -3.98 -1.53 -0.78
CA PRO A 73 -4.16 -2.98 -0.78
C PRO A 73 -3.14 -3.68 0.09
N PRO A 74 -3.51 -4.82 0.67
CA PRO A 74 -2.59 -5.61 1.50
C PRO A 74 -1.55 -6.31 0.64
N VAL A 75 -0.33 -6.38 1.13
CA VAL A 75 0.74 -7.07 0.43
C VAL A 75 0.97 -8.45 1.04
N VAL A 76 0.89 -9.48 0.23
CA VAL A 76 0.84 -10.83 0.73
C VAL A 76 1.97 -11.72 0.22
N VAL A 77 2.74 -12.27 1.16
CA VAL A 77 3.78 -13.23 0.85
C VAL A 77 3.32 -14.65 1.16
N ILE A 78 3.59 -15.56 0.24
CA ILE A 78 3.24 -16.96 0.43
C ILE A 78 4.48 -17.77 0.77
N MET A 79 4.40 -18.56 1.84
CA MET A 79 5.53 -19.37 2.28
C MET A 79 5.12 -20.82 2.54
N GLY A 80 6.09 -21.63 2.91
CA GLY A 80 5.83 -23.02 3.24
C GLY A 80 7.02 -23.94 3.03
N HIS A 81 6.83 -25.21 3.38
CA HIS A 81 7.84 -26.23 3.14
C HIS A 81 7.86 -26.59 1.66
N VAL A 82 8.98 -27.15 1.21
CA VAL A 82 9.09 -27.69 -0.13
C VAL A 82 7.95 -28.67 -0.40
N ASP A 83 7.38 -28.59 -1.60
CA ASP A 83 6.35 -29.53 -2.06
C ASP A 83 4.96 -29.28 -1.49
N HIS A 84 4.83 -28.27 -0.62
CA HIS A 84 3.58 -28.06 0.10
C HIS A 84 2.52 -27.34 -0.73
N GLY A 85 2.86 -26.99 -1.97
CA GLY A 85 1.87 -26.45 -2.88
C GLY A 85 1.93 -24.94 -3.04
N LYS A 86 3.01 -24.36 -2.54
CA LYS A 86 3.26 -22.92 -2.65
C LYS A 86 3.07 -22.42 -4.07
N THR A 87 3.90 -22.91 -4.97
CA THR A 87 3.90 -22.48 -6.37
C THR A 87 2.55 -22.68 -7.04
N THR A 88 1.94 -23.85 -6.86
CA THR A 88 0.66 -24.14 -7.48
C THR A 88 -0.40 -23.16 -7.01
N LEU A 89 -0.32 -22.76 -5.74
CA LEU A 89 -1.23 -21.77 -5.21
C LEU A 89 -0.98 -20.43 -5.90
N LEU A 90 0.29 -20.06 -6.00
CA LEU A 90 0.68 -18.84 -6.69
C LEU A 90 0.20 -18.87 -8.13
N ASP A 91 0.52 -19.96 -8.82
CA ASP A 91 0.17 -20.10 -10.23
C ASP A 91 -1.34 -20.04 -10.45
N TYR A 92 -2.09 -20.71 -9.58
CA TYR A 92 -3.54 -20.70 -9.65
C TYR A 92 -4.07 -19.28 -9.52
N LEU A 93 -3.50 -18.54 -8.57
CA LEU A 93 -3.94 -17.19 -8.29
C LEU A 93 -3.77 -16.27 -9.50
N ARG A 94 -2.72 -16.51 -10.27
CA ARG A 94 -2.54 -15.79 -11.51
C ARG A 94 -3.69 -16.13 -12.46
N LYS A 95 -3.97 -17.41 -12.61
CA LYS A 95 -4.99 -17.87 -13.55
C LYS A 95 -6.38 -17.33 -13.21
N SER A 96 -6.68 -17.23 -11.93
CA SER A 96 -7.97 -16.71 -11.50
C SER A 96 -8.07 -15.22 -11.76
N ARG A 97 -6.92 -14.55 -11.91
CA ARG A 97 -6.91 -13.10 -12.06
C ARG A 97 -7.39 -12.65 -13.45
N ILE A 98 -6.91 -13.27 -14.53
CA ILE A 98 -7.60 -13.08 -15.80
C ILE A 98 -8.44 -14.33 -16.02
N ALA A 99 -9.74 -14.17 -15.83
CA ALA A 99 -10.70 -15.24 -16.01
C ALA A 99 -11.31 -15.08 -17.38
N GLU A 100 -10.82 -14.09 -18.12
CA GLU A 100 -11.45 -13.70 -19.37
C GLU A 100 -10.75 -14.22 -20.61
N LYS A 101 -9.63 -13.61 -20.99
CA LYS A 101 -9.02 -13.91 -22.28
C LYS A 101 -7.65 -13.26 -22.42
N GLU A 102 -7.02 -13.44 -23.57
CA GLU A 102 -5.78 -12.76 -23.90
C GLU A 102 -6.08 -11.37 -24.47
N ALA A 103 -5.22 -10.41 -24.16
CA ALA A 103 -4.18 -10.56 -23.14
C ALA A 103 -4.56 -9.85 -21.81
N GLY A 104 -4.76 -8.52 -21.82
CA GLY A 104 -4.42 -7.60 -22.90
C GLY A 104 -3.28 -6.57 -22.82
N GLY A 105 -2.59 -6.40 -21.69
CA GLY A 105 -2.43 -7.38 -20.63
C GLY A 105 -1.39 -8.43 -20.98
N ILE A 106 -0.23 -7.92 -21.41
CA ILE A 106 0.95 -8.74 -21.71
C ILE A 106 1.36 -9.58 -20.49
N THR A 107 0.85 -9.21 -19.31
CA THR A 107 1.05 -9.93 -18.06
C THR A 107 2.54 -10.16 -17.75
N GLN A 108 3.34 -9.13 -18.04
CA GLN A 108 4.77 -9.14 -17.75
C GLN A 108 5.01 -9.19 -16.25
N HIS A 109 6.18 -9.69 -15.84
CA HIS A 109 6.44 -9.89 -14.42
C HIS A 109 7.11 -8.68 -13.83
N VAL A 110 6.35 -7.97 -13.00
CA VAL A 110 6.85 -6.81 -12.28
C VAL A 110 7.27 -7.11 -10.85
N GLY A 111 7.20 -8.38 -10.47
CA GLY A 111 7.61 -8.78 -9.13
C GLY A 111 6.43 -9.01 -8.22
N ALA A 112 5.25 -8.59 -8.69
CA ALA A 112 4.01 -8.85 -7.96
C ALA A 112 2.84 -8.79 -8.93
N PHE A 113 1.71 -9.38 -8.52
CA PHE A 113 0.48 -9.25 -9.28
C PHE A 113 -0.67 -8.93 -8.35
N GLU A 114 -1.77 -8.47 -8.92
CA GLU A 114 -2.91 -8.07 -8.12
C GLU A 114 -4.13 -8.93 -8.43
N VAL A 115 -4.79 -9.41 -7.38
CA VAL A 115 -6.04 -10.12 -7.55
C VAL A 115 -7.20 -9.24 -7.12
N LYS A 116 -8.00 -8.83 -8.09
CA LYS A 116 -9.13 -7.95 -7.82
C LYS A 116 -10.36 -8.77 -7.51
N THR A 117 -10.97 -8.49 -6.37
CA THR A 117 -12.19 -9.17 -5.96
C THR A 117 -13.29 -8.13 -5.79
N PRO A 118 -14.56 -8.56 -5.87
CA PRO A 118 -15.68 -7.67 -5.58
C PRO A 118 -15.55 -7.00 -4.21
N GLN A 119 -14.83 -7.62 -3.30
CA GLN A 119 -14.52 -6.99 -2.03
C GLN A 119 -13.42 -5.95 -2.21
N GLY A 120 -12.35 -6.35 -2.89
CA GLY A 120 -11.22 -5.46 -3.09
C GLY A 120 -10.04 -6.16 -3.72
N THR A 121 -8.92 -5.43 -3.83
CA THR A 121 -7.72 -5.91 -4.47
C THR A 121 -6.71 -6.44 -3.46
N VAL A 122 -6.10 -7.57 -3.77
CA VAL A 122 -5.00 -8.11 -2.97
C VAL A 122 -3.72 -8.16 -3.79
N VAL A 123 -2.63 -7.67 -3.22
CA VAL A 123 -1.35 -7.69 -3.89
C VAL A 123 -0.53 -8.90 -3.45
N PHE A 124 -0.26 -9.79 -4.40
CA PHE A 124 0.55 -10.97 -4.12
C PHE A 124 1.97 -10.80 -4.63
N ILE A 125 2.94 -11.08 -3.77
CA ILE A 125 4.33 -11.02 -4.16
C ILE A 125 4.66 -12.25 -4.99
N ASP A 126 5.10 -12.04 -6.22
CA ASP A 126 5.52 -13.14 -7.06
C ASP A 126 6.97 -12.99 -7.48
N THR A 127 7.79 -13.90 -6.96
CA THR A 127 9.23 -13.87 -7.15
C THR A 127 9.72 -15.03 -6.33
N PRO A 128 10.99 -15.43 -6.52
CA PRO A 128 11.59 -16.23 -5.46
C PRO A 128 11.38 -15.52 -4.13
N GLY A 129 11.02 -16.27 -3.11
CA GLY A 129 11.24 -17.70 -3.16
C GLY A 129 11.20 -18.35 -1.80
N HIS A 130 11.99 -19.41 -1.72
CA HIS A 130 12.36 -20.09 -0.51
C HIS A 130 12.79 -19.08 0.54
N GLU A 131 13.27 -17.92 0.08
CA GLU A 131 13.56 -16.74 0.91
C GLU A 131 14.94 -16.83 1.53
N ALA A 132 15.58 -17.99 1.38
CA ALA A 132 16.95 -18.21 1.83
C ALA A 132 17.12 -17.96 3.33
N ARG A 139 15.48 -7.80 8.06
CA ARG A 139 15.97 -7.10 6.88
C ARG A 139 15.73 -7.93 5.62
N GLY A 140 15.40 -7.28 4.51
CA GLY A 140 15.39 -5.83 4.41
C GLY A 140 14.09 -5.17 4.83
N ALA A 141 13.79 -4.03 4.21
CA ALA A 141 12.64 -3.23 4.58
C ALA A 141 11.34 -4.01 4.52
N LYS A 142 10.41 -3.67 5.40
CA LYS A 142 9.13 -4.37 5.49
C LYS A 142 8.41 -4.36 4.17
N VAL A 143 8.01 -5.55 3.72
CA VAL A 143 7.40 -5.71 2.42
C VAL A 143 5.98 -6.21 2.55
N ALA A 144 5.83 -7.41 3.10
CA ALA A 144 4.52 -8.02 3.25
C ALA A 144 3.86 -7.60 4.55
N ASP A 145 2.59 -7.25 4.47
CA ASP A 145 1.77 -7.04 5.65
C ASP A 145 1.34 -8.39 6.19
N ILE A 146 1.02 -9.29 5.27
CA ILE A 146 0.47 -10.58 5.60
C ILE A 146 1.30 -11.70 5.01
N ALA A 147 1.56 -12.73 5.81
CA ALA A 147 2.25 -13.91 5.33
C ALA A 147 1.30 -15.09 5.37
N VAL A 148 1.26 -15.84 4.28
CA VAL A 148 0.44 -17.04 4.22
C VAL A 148 1.30 -18.29 4.34
N ILE A 149 1.15 -18.98 5.46
CA ILE A 149 1.95 -20.17 5.70
C ILE A 149 1.20 -21.40 5.23
N VAL A 150 1.74 -22.05 4.21
CA VAL A 150 1.06 -23.16 3.56
C VAL A 150 1.55 -24.50 4.09
N ILE A 151 0.60 -25.35 4.46
CA ILE A 151 0.93 -26.69 4.93
C ILE A 151 0.16 -27.75 4.17
N ALA A 152 0.87 -28.76 3.70
CA ALA A 152 0.24 -29.89 3.06
C ALA A 152 -0.48 -30.73 4.10
N ALA A 153 -1.74 -31.06 3.85
CA ALA A 153 -2.53 -31.82 4.80
C ALA A 153 -2.04 -33.26 4.91
N ASP A 154 -1.35 -33.73 3.88
CA ASP A 154 -0.87 -35.11 3.86
C ASP A 154 0.55 -35.20 4.41
N ASP A 155 1.12 -34.04 4.74
CA ASP A 155 2.48 -33.99 5.24
C ASP A 155 2.49 -33.43 6.65
N GLY A 156 2.05 -32.18 6.78
CA GLY A 156 1.99 -31.54 8.07
C GLY A 156 3.16 -30.60 8.31
N ILE A 157 3.41 -30.30 9.59
CA ILE A 157 4.33 -29.22 9.91
C ILE A 157 5.74 -29.72 10.07
N MET A 158 6.60 -29.31 9.14
CA MET A 158 8.02 -29.52 9.23
C MET A 158 8.67 -28.33 9.92
N PRO A 159 9.84 -28.55 10.54
CA PRO A 159 10.61 -27.45 11.11
C PRO A 159 10.89 -26.35 10.09
N GLN A 160 11.00 -26.73 8.82
CA GLN A 160 11.16 -25.79 7.73
C GLN A 160 9.98 -24.82 7.74
N THR A 161 8.79 -25.38 7.85
CA THR A 161 7.57 -24.59 7.99
C THR A 161 7.64 -23.79 9.29
N GLU A 162 8.11 -24.44 10.35
CA GLU A 162 8.24 -23.80 11.65
C GLU A 162 9.12 -22.57 11.57
N GLU A 163 10.21 -22.69 10.82
CA GLU A 163 11.17 -21.60 10.71
C GLU A 163 10.69 -20.51 9.76
N ALA A 164 9.93 -20.89 8.74
CA ALA A 164 9.35 -19.92 7.82
C ALA A 164 8.30 -19.10 8.54
N ILE A 165 7.77 -19.65 9.62
CA ILE A 165 6.80 -18.95 10.46
C ILE A 165 7.49 -17.89 11.31
N ALA A 166 8.62 -18.26 11.89
CA ALA A 166 9.36 -17.36 12.77
C ALA A 166 9.98 -16.22 11.98
N HIS A 167 10.19 -16.43 10.69
CA HIS A 167 10.72 -15.38 9.82
C HIS A 167 9.69 -14.29 9.65
N ALA A 168 8.47 -14.70 9.30
CA ALA A 168 7.38 -13.78 9.06
C ALA A 168 7.04 -12.97 10.30
N LYS A 169 7.27 -13.56 11.46
CA LYS A 169 7.06 -12.87 12.72
C LYS A 169 8.17 -11.85 12.93
N ALA A 170 9.37 -12.19 12.48
CA ALA A 170 10.50 -11.27 12.55
C ALA A 170 10.36 -10.22 11.47
N ALA A 171 9.52 -10.50 10.49
CA ALA A 171 9.26 -9.58 9.40
C ALA A 171 8.04 -8.71 9.71
N GLY A 172 7.42 -8.96 10.85
CA GLY A 172 6.27 -8.18 11.28
C GLY A 172 5.03 -8.40 10.43
N ALA A 173 4.88 -9.62 9.93
CA ALA A 173 3.73 -9.94 9.09
C ALA A 173 2.67 -10.70 9.87
N LYS A 174 1.41 -10.38 9.60
CA LYS A 174 0.30 -11.12 10.19
C LYS A 174 0.19 -12.48 9.52
N LEU A 175 0.08 -13.52 10.33
CA LEU A 175 0.10 -14.88 9.83
C LEU A 175 -1.28 -15.40 9.44
N ILE A 176 -1.32 -16.10 8.31
CA ILE A 176 -2.52 -16.82 7.90
C ILE A 176 -2.10 -18.21 7.47
N PHE A 177 -2.61 -19.23 8.16
CA PHE A 177 -2.25 -20.60 7.84
C PHE A 177 -3.22 -21.21 6.85
N ALA A 178 -2.67 -21.77 5.77
CA ALA A 178 -3.49 -22.44 4.79
C ALA A 178 -3.17 -23.92 4.75
N ILE A 179 -4.11 -24.75 5.19
CA ILE A 179 -3.95 -26.18 5.06
C ILE A 179 -4.30 -26.55 3.64
N ASN A 180 -3.35 -27.15 2.93
CA ASN A 180 -3.49 -27.37 1.51
C ASN A 180 -3.62 -28.87 1.24
N LYS A 181 -3.81 -29.23 -0.02
CA LYS A 181 -3.92 -30.62 -0.43
C LYS A 181 -5.00 -31.35 0.36
N ILE A 182 -6.15 -30.70 0.51
CA ILE A 182 -7.26 -31.29 1.24
C ILE A 182 -8.06 -32.23 0.36
N ASP A 183 -7.69 -32.28 -0.91
CA ASP A 183 -8.36 -33.16 -1.87
C ASP A 183 -7.88 -34.61 -1.72
N LEU A 184 -6.70 -34.78 -1.16
CA LEU A 184 -6.12 -36.11 -0.97
C LEU A 184 -6.89 -36.91 0.07
N PRO A 185 -7.00 -38.23 -0.15
CA PRO A 185 -7.64 -39.10 0.85
C PRO A 185 -6.80 -39.22 2.11
N GLN A 186 -5.49 -39.06 1.98
CA GLN A 186 -4.61 -39.18 3.14
C GLN A 186 -4.42 -37.85 3.84
N ALA A 187 -5.14 -36.83 3.36
CA ALA A 187 -5.13 -35.52 3.99
C ALA A 187 -5.60 -35.60 5.43
N ASP A 188 -4.99 -34.81 6.30
CA ASP A 188 -5.40 -34.76 7.70
C ASP A 188 -5.34 -33.35 8.27
N PRO A 189 -6.30 -32.50 7.89
CA PRO A 189 -6.33 -31.12 8.38
C PRO A 189 -6.39 -31.01 9.89
N GLU A 190 -7.05 -31.97 10.55
CA GLU A 190 -7.15 -31.95 11.99
C GLU A 190 -5.79 -32.16 12.63
N LYS A 191 -4.99 -33.03 12.02
CA LYS A 191 -3.64 -33.29 12.50
C LYS A 191 -2.84 -31.99 12.54
N VAL A 192 -3.01 -31.20 11.49
CA VAL A 192 -2.26 -29.96 11.34
C VAL A 192 -2.68 -28.94 12.39
N LYS A 193 -3.97 -28.90 12.68
CA LYS A 193 -4.48 -27.99 13.70
C LYS A 193 -3.85 -28.31 15.04
N ARG A 194 -3.74 -29.60 15.35
CA ARG A 194 -3.12 -30.04 16.59
C ARG A 194 -1.65 -29.67 16.63
N GLN A 195 -1.02 -29.68 15.46
CA GLN A 195 0.38 -29.30 15.35
C GLN A 195 0.54 -27.80 15.56
N LEU A 196 -0.38 -27.03 15.00
CA LEU A 196 -0.39 -25.60 15.19
C LEU A 196 -0.63 -25.25 16.65
N MET A 197 -1.57 -25.97 17.26
CA MET A 197 -1.91 -25.76 18.66
C MET A 197 -0.73 -26.07 19.58
N GLU A 198 -0.17 -27.25 19.44
CA GLU A 198 0.95 -27.66 20.28
C GLU A 198 2.14 -26.73 20.07
N ARG A 199 2.12 -26.00 18.96
CA ARG A 199 3.11 -24.97 18.71
C ARG A 199 2.65 -23.59 19.17
N GLY A 200 1.47 -23.54 19.78
CA GLY A 200 1.00 -22.32 20.42
C GLY A 200 0.15 -21.45 19.55
N PHE A 201 -0.22 -21.95 18.37
CA PHE A 201 -1.12 -21.23 17.49
C PHE A 201 -2.50 -21.87 17.58
N VAL A 202 -3.44 -21.17 18.18
CA VAL A 202 -4.76 -21.74 18.39
C VAL A 202 -5.77 -21.15 17.41
N PRO A 203 -6.35 -22.02 16.56
CA PRO A 203 -7.36 -21.65 15.57
C PRO A 203 -8.54 -20.93 16.19
N GLU A 204 -9.15 -20.03 15.42
CA GLU A 204 -10.26 -19.21 15.90
C GLU A 204 -11.43 -20.04 16.39
N GLU A 205 -11.71 -21.16 15.73
CA GLU A 205 -12.85 -22.00 16.08
C GLU A 205 -12.72 -22.53 17.50
N TYR A 206 -11.48 -22.62 17.97
CA TYR A 206 -11.20 -23.05 19.32
C TYR A 206 -11.04 -21.86 20.27
N GLY A 207 -11.22 -20.66 19.73
CA GLY A 207 -11.22 -19.45 20.54
C GLY A 207 -9.90 -18.72 20.60
N GLY A 208 -8.99 -19.07 19.69
CA GLY A 208 -7.70 -18.42 19.65
C GLY A 208 -7.64 -17.39 18.55
N ASP A 209 -6.49 -16.74 18.40
CA ASP A 209 -6.32 -15.70 17.39
C ASP A 209 -5.76 -16.17 16.05
N ALA A 210 -5.35 -17.44 15.98
CA ALA A 210 -4.78 -17.97 14.75
C ALA A 210 -5.83 -18.16 13.65
N ILE A 211 -5.44 -17.93 12.41
CA ILE A 211 -6.35 -17.99 11.29
C ILE A 211 -6.02 -19.17 10.37
N VAL A 212 -6.98 -20.07 10.20
CA VAL A 212 -6.73 -21.28 9.43
C VAL A 212 -7.77 -21.51 8.33
N ILE A 213 -7.32 -21.48 7.08
CA ILE A 213 -8.20 -21.75 5.94
C ILE A 213 -7.79 -23.00 5.17
N PRO A 214 -8.63 -24.03 5.21
CA PRO A 214 -8.41 -25.20 4.36
C PRO A 214 -8.63 -24.86 2.89
N ILE A 215 -7.71 -25.27 2.03
CA ILE A 215 -7.79 -24.97 0.60
C ILE A 215 -7.15 -26.06 -0.24
N SER A 216 -7.45 -26.06 -1.53
CA SER A 216 -6.78 -26.95 -2.46
C SER A 216 -6.23 -26.16 -3.64
N ALA A 217 -4.90 -26.14 -3.78
CA ALA A 217 -4.27 -25.44 -4.88
C ALA A 217 -4.58 -26.15 -6.19
N LYS A 218 -4.99 -27.41 -6.07
CA LYS A 218 -5.38 -28.21 -7.22
C LYS A 218 -6.79 -27.78 -7.64
N THR A 219 -7.74 -28.01 -6.75
CA THR A 219 -9.15 -27.73 -7.03
C THR A 219 -9.45 -26.25 -7.26
N GLY A 220 -9.05 -25.41 -6.31
CA GLY A 220 -9.52 -24.05 -6.28
C GLY A 220 -10.60 -23.93 -5.24
N GLN A 221 -10.70 -24.98 -4.42
CA GLN A 221 -11.70 -25.08 -3.38
C GLN A 221 -11.30 -24.23 -2.17
N GLY A 222 -12.18 -23.32 -1.78
CA GLY A 222 -11.95 -22.48 -0.61
C GLY A 222 -10.93 -21.38 -0.82
N VAL A 223 -10.31 -21.36 -2.00
CA VAL A 223 -9.33 -20.34 -2.32
C VAL A 223 -10.00 -18.97 -2.32
N GLN A 224 -11.28 -18.96 -2.68
CA GLN A 224 -12.08 -17.74 -2.62
C GLN A 224 -12.21 -17.28 -1.19
N ASP A 225 -12.37 -18.23 -0.28
CA ASP A 225 -12.46 -17.92 1.15
C ASP A 225 -11.19 -17.26 1.63
N LEU A 226 -10.05 -17.77 1.16
CA LEU A 226 -8.75 -17.27 1.58
C LEU A 226 -8.60 -15.79 1.24
N LEU A 227 -9.14 -15.40 0.08
CA LEU A 227 -9.08 -14.02 -0.36
C LEU A 227 -9.92 -13.12 0.54
N GLU A 228 -11.16 -13.54 0.77
CA GLU A 228 -12.07 -12.78 1.60
C GLU A 228 -11.51 -12.55 2.99
N MET A 229 -10.76 -13.53 3.48
CA MET A 229 -10.17 -13.44 4.82
C MET A 229 -9.01 -12.46 4.83
N ILE A 230 -8.22 -12.47 3.78
CA ILE A 230 -7.11 -11.54 3.65
C ILE A 230 -7.62 -10.12 3.68
N LEU A 231 -8.62 -9.84 2.84
CA LEU A 231 -9.26 -8.54 2.80
C LEU A 231 -9.94 -8.22 4.13
N LEU A 232 -10.46 -9.24 4.78
CA LEU A 232 -11.06 -9.09 6.11
C LEU A 232 -10.03 -8.56 7.08
N LEU A 233 -8.93 -9.30 7.20
CA LEU A 233 -7.86 -8.93 8.12
C LEU A 233 -7.23 -7.62 7.71
N ALA A 234 -7.29 -7.30 6.42
CA ALA A 234 -6.82 -6.02 5.93
C ALA A 234 -7.64 -4.91 6.54
N GLU A 235 -8.96 -5.10 6.58
CA GLU A 235 -9.85 -4.11 7.16
C GLU A 235 -9.59 -3.97 8.65
N LEU A 236 -9.32 -5.10 9.30
CA LEU A 236 -9.01 -5.11 10.72
C LEU A 236 -7.78 -4.25 10.97
N GLU A 237 -6.80 -4.35 10.09
CA GLU A 237 -5.56 -3.63 10.26
C GLU A 237 -5.60 -2.23 9.62
N ASP A 238 -6.63 -1.98 8.83
CA ASP A 238 -6.84 -0.69 8.17
C ASP A 238 -5.58 -0.13 7.53
N TYR A 239 -5.13 -0.78 6.46
CA TYR A 239 -3.92 -0.36 5.75
C TYR A 239 -4.18 0.89 4.92
N ARG A 240 -3.34 1.90 5.09
CA ARG A 240 -3.47 3.13 4.33
C ARG A 240 -2.14 3.83 4.10
N ALA A 241 -2.08 4.61 3.03
CA ALA A 241 -0.85 5.29 2.65
C ALA A 241 -1.13 6.65 2.00
N ASP A 242 -0.23 7.60 2.26
CA ASP A 242 -0.37 8.95 1.74
C ASP A 242 0.28 9.09 0.37
N PRO A 243 -0.53 9.29 -0.67
CA PRO A 243 -0.04 9.39 -2.05
C PRO A 243 0.82 10.63 -2.24
N ASN A 244 0.65 11.61 -1.36
CA ASN A 244 1.38 12.87 -1.47
C ASN A 244 2.64 12.99 -0.61
N ALA A 245 2.99 11.93 0.11
CA ALA A 245 4.19 11.98 0.95
C ALA A 245 5.42 11.94 0.06
N GLU A 246 6.61 12.02 0.65
CA GLU A 246 7.80 11.84 -0.14
C GLU A 246 7.84 10.39 -0.56
N PRO A 247 7.94 10.13 -1.87
CA PRO A 247 7.89 8.78 -2.41
C PRO A 247 8.86 7.83 -1.72
N ARG A 248 8.37 6.66 -1.37
CA ARG A 248 9.17 5.64 -0.72
CA ARG A 248 9.20 5.63 -0.76
C ARG A 248 8.76 4.27 -1.25
N GLY A 249 9.73 3.39 -1.47
CA GLY A 249 9.43 2.08 -1.98
C GLY A 249 10.49 1.07 -1.62
N VAL A 250 10.33 -0.15 -2.13
CA VAL A 250 11.27 -1.21 -1.83
C VAL A 250 11.60 -1.99 -3.10
N ILE A 251 12.86 -2.36 -3.25
CA ILE A 251 13.27 -3.15 -4.40
C ILE A 251 12.92 -4.61 -4.17
N LEU A 252 12.08 -5.14 -5.04
CA LEU A 252 11.75 -6.55 -5.02
C LEU A 252 12.89 -7.32 -5.64
N GLU A 253 13.11 -7.08 -6.92
CA GLU A 253 14.17 -7.74 -7.67
C GLU A 253 14.72 -6.81 -8.73
N SER A 254 16.01 -6.91 -8.98
CA SER A 254 16.66 -6.11 -10.01
C SER A 254 17.52 -7.01 -10.89
N LYS A 255 17.47 -6.80 -12.20
CA LYS A 255 18.22 -7.64 -13.10
C LYS A 255 18.65 -6.98 -14.40
N LEU A 256 19.25 -7.77 -15.27
CA LEU A 256 19.80 -7.29 -16.53
C LEU A 256 19.13 -7.95 -17.71
N ASP A 257 18.46 -7.14 -18.53
CA ASP A 257 18.07 -7.58 -19.86
C ASP A 257 19.05 -6.94 -20.83
N LYS A 258 19.82 -7.76 -21.52
CA LYS A 258 20.92 -7.28 -22.35
C LYS A 258 20.45 -6.34 -23.45
N GLN A 259 19.24 -6.56 -23.94
CA GLN A 259 18.66 -5.70 -24.97
C GLN A 259 18.00 -4.49 -24.34
N ALA A 260 18.02 -4.45 -23.02
CA ALA A 260 17.43 -3.38 -22.22
C ALA A 260 18.53 -2.71 -21.41
N GLY A 261 19.17 -3.49 -20.56
CA GLY A 261 20.07 -2.97 -19.56
C GLY A 261 19.43 -3.08 -18.19
N ILE A 262 20.04 -2.43 -17.20
CA ILE A 262 19.60 -2.55 -15.82
C ILE A 262 18.13 -2.22 -15.63
N ILE A 263 17.40 -3.15 -15.04
CA ILE A 263 15.99 -2.93 -14.72
C ILE A 263 15.71 -3.34 -13.30
N ALA A 264 14.64 -2.79 -12.73
CA ALA A 264 14.29 -3.06 -11.34
C ALA A 264 12.80 -3.22 -11.17
N ASN A 265 12.42 -4.19 -10.36
CA ASN A 265 11.04 -4.33 -9.94
C ASN A 265 10.86 -3.73 -8.55
N MET A 266 9.97 -2.76 -8.45
CA MET A 266 9.84 -1.97 -7.24
C MET A 266 8.40 -2.02 -6.73
N LEU A 267 8.25 -2.06 -5.42
CA LEU A 267 6.94 -1.91 -4.82
C LEU A 267 6.82 -0.54 -4.18
N VAL A 268 5.74 0.17 -4.50
CA VAL A 268 5.54 1.49 -3.98
C VAL A 268 4.81 1.44 -2.64
N GLN A 269 5.30 2.21 -1.68
CA GLN A 269 4.73 2.23 -0.35
C GLN A 269 4.11 3.58 -0.03
N GLU A 270 4.95 4.61 0.01
CA GLU A 270 4.46 5.96 0.29
C GLU A 270 4.72 6.90 -0.88
N GLY A 271 3.91 7.95 -0.96
CA GLY A 271 4.06 8.95 -2.01
C GLY A 271 3.74 8.40 -3.39
N THR A 272 3.97 9.21 -4.41
CA THR A 272 3.78 8.77 -5.79
C THR A 272 5.00 9.06 -6.64
N PHE A 273 5.65 7.99 -7.12
CA PHE A 273 6.76 8.11 -8.04
C PHE A 273 6.25 8.50 -9.41
N ARG A 274 7.03 9.30 -10.12
CA ARG A 274 6.67 9.72 -11.47
C ARG A 274 7.85 9.59 -12.40
N VAL A 275 7.59 9.44 -13.68
CA VAL A 275 8.65 9.38 -14.67
C VAL A 275 9.42 10.69 -14.65
N GLY A 276 10.75 10.61 -14.60
CA GLY A 276 11.58 11.78 -14.58
C GLY A 276 12.12 12.04 -13.19
N ASP A 277 11.61 11.31 -12.21
CA ASP A 277 12.06 11.45 -10.83
C ASP A 277 13.45 10.87 -10.65
N TYR A 278 14.21 11.49 -9.75
CA TYR A 278 15.49 10.92 -9.34
C TYR A 278 15.27 10.11 -8.07
N VAL A 279 15.80 8.90 -8.07
CA VAL A 279 15.68 8.03 -6.92
C VAL A 279 17.03 7.43 -6.58
N VAL A 280 17.15 6.95 -5.35
CA VAL A 280 18.35 6.27 -4.93
C VAL A 280 17.97 5.02 -4.14
N ALA A 281 18.50 3.87 -4.55
CA ALA A 281 18.26 2.65 -3.81
C ALA A 281 19.59 2.12 -3.31
N GLY A 282 19.78 2.15 -2.00
CA GLY A 282 21.07 1.83 -1.44
C GLY A 282 22.12 2.74 -2.06
N GLU A 283 23.14 2.14 -2.65
CA GLU A 283 24.16 2.90 -3.35
C GLU A 283 23.79 3.07 -4.81
N ALA A 284 22.75 2.38 -5.25
CA ALA A 284 22.28 2.51 -6.62
C ALA A 284 21.44 3.75 -6.73
N TYR A 285 21.48 4.40 -7.90
CA TYR A 285 20.66 5.57 -8.13
C TYR A 285 20.34 5.72 -9.60
N GLY A 286 19.68 6.82 -9.93
CA GLY A 286 19.36 7.13 -11.31
C GLY A 286 18.10 7.95 -11.44
N ARG A 287 17.65 8.10 -12.68
CA ARG A 287 16.44 8.83 -12.99
C ARG A 287 15.48 7.82 -13.55
N ILE A 288 14.18 8.08 -13.43
CA ILE A 288 13.22 7.09 -13.90
C ILE A 288 12.88 7.42 -15.33
N ARG A 289 13.34 6.56 -16.23
CA ARG A 289 13.09 6.72 -17.65
C ARG A 289 11.71 6.21 -18.03
N ALA A 290 11.32 5.08 -17.47
CA ALA A 290 10.02 4.51 -17.76
C ALA A 290 9.52 3.60 -16.65
N MET A 291 8.22 3.38 -16.63
CA MET A 291 7.60 2.45 -15.68
C MET A 291 6.55 1.60 -16.38
N MET A 292 6.48 0.34 -16.00
CA MET A 292 5.60 -0.62 -16.65
C MET A 292 4.94 -1.48 -15.57
N ASP A 293 3.63 -1.66 -15.67
CA ASP A 293 2.92 -2.40 -14.63
C ASP A 293 2.70 -3.88 -14.97
N ALA A 294 2.02 -4.58 -14.06
CA ALA A 294 1.74 -5.99 -14.23
C ALA A 294 0.90 -6.25 -15.46
N ASP A 295 0.10 -5.25 -15.84
CA ASP A 295 -0.76 -5.39 -17.01
C ASP A 295 -0.09 -4.86 -18.28
N GLY A 296 1.15 -4.43 -18.13
CA GLY A 296 1.97 -4.09 -19.28
C GLY A 296 1.98 -2.63 -19.69
N ASN A 297 1.04 -1.84 -19.16
CA ASN A 297 0.93 -0.45 -19.52
C ASN A 297 2.17 0.35 -19.15
N GLN A 298 2.53 1.31 -20.00
CA GLN A 298 3.60 2.22 -19.66
C GLN A 298 3.01 3.28 -18.74
N ARG A 299 3.56 3.36 -17.53
CA ARG A 299 2.93 4.16 -16.48
C ARG A 299 3.63 5.48 -16.25
N LYS A 300 2.85 6.55 -16.20
CA LYS A 300 3.38 7.87 -15.90
C LYS A 300 3.68 7.99 -14.41
N GLU A 301 2.78 7.46 -13.58
CA GLU A 301 2.95 7.55 -12.13
C GLU A 301 2.75 6.21 -11.46
N ALA A 302 3.29 6.06 -10.25
CA ALA A 302 3.11 4.84 -9.48
C ALA A 302 2.75 5.18 -8.04
N GLY A 303 1.58 4.72 -7.60
CA GLY A 303 1.12 4.98 -6.25
C GLY A 303 1.32 3.78 -5.35
N PRO A 304 0.98 3.92 -4.06
CA PRO A 304 1.11 2.83 -3.10
C PRO A 304 0.38 1.58 -3.55
N GLY A 305 1.03 0.43 -3.43
CA GLY A 305 0.43 -0.82 -3.85
C GLY A 305 0.82 -1.18 -5.27
N SER A 306 1.25 -0.19 -6.03
CA SER A 306 1.70 -0.43 -7.40
C SER A 306 3.06 -1.10 -7.40
N ALA A 307 3.16 -2.22 -8.10
CA ALA A 307 4.45 -2.85 -8.35
C ALA A 307 4.75 -2.63 -9.81
N VAL A 308 5.90 -2.04 -10.10
CA VAL A 308 6.21 -1.65 -11.47
C VAL A 308 7.65 -1.94 -11.88
N GLN A 309 7.84 -2.08 -13.19
CA GLN A 309 9.15 -2.27 -13.77
C GLN A 309 9.83 -0.92 -13.98
N VAL A 310 11.05 -0.78 -13.48
CA VAL A 310 11.73 0.51 -13.51
C VAL A 310 13.00 0.51 -14.36
N LEU A 311 13.11 1.52 -15.23
CA LEU A 311 14.27 1.68 -16.08
C LEU A 311 15.03 2.94 -15.66
N GLY A 312 16.34 2.95 -15.88
CA GLY A 312 17.15 4.13 -15.60
C GLY A 312 18.08 4.10 -14.40
N PHE A 313 18.15 2.97 -13.70
CA PHE A 313 19.14 2.85 -12.62
C PHE A 313 20.56 2.75 -13.19
N GLN A 314 21.51 3.34 -12.48
CA GLN A 314 22.90 3.33 -12.91
C GLN A 314 23.55 1.98 -12.61
N GLU A 315 23.20 1.42 -11.46
CA GLU A 315 23.71 0.13 -11.03
C GLU A 315 22.52 -0.74 -10.70
N LEU A 316 22.76 -2.04 -10.58
CA LEU A 316 21.73 -2.93 -10.06
C LEU A 316 21.59 -2.72 -8.56
N PRO A 317 20.38 -2.34 -8.12
CA PRO A 317 20.07 -2.17 -6.71
C PRO A 317 19.88 -3.52 -6.04
N HIS A 318 20.14 -3.58 -4.74
CA HIS A 318 19.94 -4.81 -3.98
C HIS A 318 18.47 -5.01 -3.66
N ALA A 319 18.06 -6.27 -3.60
CA ALA A 319 16.69 -6.60 -3.21
C ALA A 319 16.46 -6.19 -1.76
N GLY A 320 15.31 -5.60 -1.49
CA GLY A 320 14.95 -5.22 -0.14
C GLY A 320 15.49 -3.86 0.26
N ASP A 321 16.20 -3.20 -0.64
CA ASP A 321 16.67 -1.85 -0.39
C ASP A 321 15.51 -0.88 -0.52
N VAL A 322 15.61 0.24 0.18
CA VAL A 322 14.56 1.25 0.12
C VAL A 322 14.78 2.19 -1.04
N VAL A 323 13.78 2.26 -1.92
CA VAL A 323 13.80 3.23 -3.00
C VAL A 323 13.27 4.56 -2.47
N GLU A 324 14.09 5.60 -2.57
CA GLU A 324 13.72 6.89 -2.00
C GLU A 324 13.91 8.05 -2.99
N TRP A 325 12.87 8.85 -3.14
CA TRP A 325 12.88 10.00 -4.03
C TRP A 325 13.94 11.01 -3.61
N VAL A 326 14.58 11.63 -4.59
CA VAL A 326 15.54 12.69 -4.32
C VAL A 326 15.32 13.86 -5.28
N PRO A 327 15.65 15.08 -4.83
CA PRO A 327 15.32 16.29 -5.61
C PRO A 327 16.05 16.44 -6.94
N ASP A 328 17.21 15.82 -7.09
CA ASP A 328 17.98 15.98 -8.31
C ASP A 328 19.09 14.93 -8.45
N LEU A 329 19.81 15.03 -9.56
CA LEU A 329 20.89 14.09 -9.87
C LEU A 329 22.04 14.23 -8.89
N GLU A 330 22.35 15.46 -8.50
CA GLU A 330 23.47 15.70 -7.61
C GLU A 330 23.18 15.17 -6.21
N ALA A 331 21.91 15.14 -5.84
CA ALA A 331 21.51 14.60 -4.55
C ALA A 331 21.62 13.08 -4.57
N ALA A 332 21.24 12.50 -5.70
CA ALA A 332 21.32 11.06 -5.87
C ALA A 332 22.76 10.59 -5.77
N LYS A 333 23.65 11.30 -6.45
CA LYS A 333 25.07 10.97 -6.43
C LYS A 333 25.64 11.01 -5.02
N GLU A 334 25.42 12.12 -4.34
CA GLU A 334 25.99 12.34 -3.02
C GLU A 334 25.49 11.34 -1.99
N ILE A 335 24.19 11.09 -1.99
CA ILE A 335 23.60 10.14 -1.07
C ILE A 335 24.05 8.73 -1.37
N ALA A 336 24.09 8.38 -2.65
CA ALA A 336 24.53 7.04 -3.05
C ALA A 336 26.01 6.87 -2.79
N GLU A 337 26.78 7.93 -3.01
CA GLU A 337 28.23 7.86 -2.82
C GLU A 337 28.59 7.74 -1.36
N GLU A 338 27.91 8.51 -0.52
CA GLU A 338 28.23 8.53 0.91
C GLU A 338 28.06 7.14 1.52
N ARG A 339 27.12 6.38 0.97
CA ARG A 339 26.88 5.03 1.44
C ARG A 339 28.01 4.12 0.99
N LYS A 340 28.59 4.44 -0.16
CA LYS A 340 29.67 3.64 -0.70
C LYS A 340 30.95 3.80 0.12
N GLU A 341 31.26 5.04 0.49
CA GLU A 341 32.43 5.33 1.31
C GLU A 341 32.41 4.54 2.60
N GLU A 342 31.31 4.64 3.33
CA GLU A 342 31.17 3.91 4.58
C GLU A 342 31.20 2.41 4.35
N ARG A 343 30.53 1.94 3.31
CA ARG A 343 30.54 0.51 2.98
C ARG A 343 31.97 0.04 2.70
N LYS A 344 32.68 0.79 1.86
CA LYS A 344 34.08 0.51 1.59
C LYS A 344 34.90 0.51 2.86
N ALA A 345 35.00 1.66 3.50
CA ALA A 345 35.86 1.85 4.67
C ALA A 345 35.55 0.91 5.83
N ARG A 346 34.27 0.63 6.04
CA ARG A 346 33.86 -0.24 7.13
C ARG A 346 34.07 -1.71 6.74
N GLU A 347 34.37 -1.95 5.47
CA GLU A 347 34.81 -3.26 5.04
C GLU A 347 36.31 -3.39 5.25
N GLU A 348 36.98 -2.26 5.46
CA GLU A 348 38.39 -2.29 5.84
C GLU A 348 38.49 -2.24 7.36
N GLU A 349 37.35 -2.06 8.00
CA GLU A 349 37.21 -2.32 9.43
C GLU A 349 36.99 -3.81 9.56
N GLU A 350 36.58 -4.42 8.46
CA GLU A 350 36.38 -5.86 8.38
C GLU A 350 37.69 -6.55 8.02
N LYS A 351 38.75 -5.77 7.89
CA LYS A 351 40.07 -6.31 7.64
C LYS A 351 40.59 -6.94 8.93
N ALA A 352 40.78 -6.13 9.94
CA ALA A 352 41.24 -6.61 11.24
C ALA A 352 40.18 -6.37 12.32
N ARG A 353 40.02 -7.33 13.23
CA ARG A 353 40.64 -8.64 13.09
C ARG A 353 39.66 -9.68 12.52
N ARG A 354 38.43 -9.23 12.27
CA ARG A 354 37.34 -10.12 11.85
C ARG A 354 37.68 -10.94 10.61
#